data_2D0B
#
_entry.id   2D0B
#
_cell.length_a   67.163
_cell.length_b   109.465
_cell.length_c   48.412
_cell.angle_alpha   90.00
_cell.angle_beta   90.00
_cell.angle_gamma   90.00
#
_symmetry.space_group_name_H-M   'P 21 21 2'
#
loop_
_entity.id
_entity.type
_entity.pdbx_description
1 polymer 'ribonuclease HIII'
2 non-polymer 'MAGNESIUM ION'
3 water water
#
_entity_poly.entity_id   1
_entity_poly.type   'polypeptide(L)'
_entity_poly.pdbx_seq_one_letter_code
;MSNYVIQADQQLLDALRAHYEGALSDRLPAGALFAVKRPDVVITAYRSGKVLFQGKAAEQEAAKWISGASASNETADHQP
SALAAHQLGSLSAIGSDEVGTGDYFGPIVVAAAYVDRPHIAKIAALGVKDSKQLNDEAIKRIAPAIMETVPHAVTVLDNP
QYNRWQRSGMPQTKMKALLHNRTLVKLVDAIAPAEPEAIIIDEFLKRDSYFRYLSDEDRIIRERVHCLPKAESVHVSVAA
ASIIARYVFLEEMEQLSRAVGLLLPKGAGAIVDEAAARIIRARGEEMLETCAKLHFANTKKALAIAKRRK
;
_entity_poly.pdbx_strand_id   A
#
loop_
_chem_comp.id
_chem_comp.type
_chem_comp.name
_chem_comp.formula
MG non-polymer 'MAGNESIUM ION' 'Mg 2'
#
# COMPACT_ATOMS: atom_id res chain seq x y z
N SER A 2 -26.15 -12.16 -28.22
CA SER A 2 -24.76 -12.10 -27.68
C SER A 2 -24.38 -10.67 -27.33
N ASN A 3 -24.16 -10.40 -26.04
CA ASN A 3 -23.76 -9.07 -25.62
C ASN A 3 -22.27 -8.92 -25.91
N TYR A 4 -21.79 -7.69 -25.92
CA TYR A 4 -20.37 -7.45 -26.21
C TYR A 4 -19.62 -6.74 -25.09
N VAL A 5 -18.34 -7.08 -24.95
CA VAL A 5 -17.50 -6.49 -23.93
C VAL A 5 -16.21 -6.01 -24.58
N ILE A 6 -15.63 -4.95 -24.02
CA ILE A 6 -14.39 -4.40 -24.54
C ILE A 6 -13.53 -3.90 -23.39
N GLN A 7 -12.25 -3.66 -23.69
CA GLN A 7 -11.31 -3.17 -22.69
C GLN A 7 -11.02 -1.71 -23.01
N ALA A 8 -11.44 -0.81 -22.12
CA ALA A 8 -11.23 0.62 -22.32
C ALA A 8 -10.17 1.21 -21.40
N ASP A 9 -9.32 2.05 -21.96
CA ASP A 9 -8.28 2.72 -21.18
C ASP A 9 -8.94 3.89 -20.47
N GLN A 10 -8.16 4.64 -19.71
CA GLN A 10 -8.72 5.77 -18.97
C GLN A 10 -9.37 6.82 -19.87
N GLN A 11 -8.74 7.12 -21.00
CA GLN A 11 -9.30 8.09 -21.93
C GLN A 11 -10.63 7.61 -22.47
N LEU A 12 -10.69 6.32 -22.82
CA LEU A 12 -11.91 5.75 -23.36
C LEU A 12 -13.01 5.76 -22.28
N LEU A 13 -12.63 5.42 -21.05
CA LEU A 13 -13.59 5.42 -19.94
C LEU A 13 -14.17 6.81 -19.72
N ASP A 14 -13.32 7.84 -19.74
CA ASP A 14 -13.80 9.21 -19.55
C ASP A 14 -14.72 9.60 -20.69
N ALA A 15 -14.35 9.25 -21.92
CA ALA A 15 -15.17 9.59 -23.08
C ALA A 15 -16.55 8.94 -22.94
N LEU A 16 -16.56 7.66 -22.58
CA LEU A 16 -17.82 6.93 -22.41
C LEU A 16 -18.72 7.58 -21.36
N ARG A 17 -18.15 7.92 -20.21
CA ARG A 17 -18.95 8.53 -19.15
C ARG A 17 -19.48 9.90 -19.55
N ALA A 18 -18.61 10.73 -20.13
CA ALA A 18 -18.98 12.07 -20.52
C ALA A 18 -19.96 12.10 -21.69
N HIS A 19 -19.81 11.16 -22.61
CA HIS A 19 -20.66 11.09 -23.80
C HIS A 19 -22.13 10.93 -23.43
N TYR A 20 -22.48 9.79 -22.84
CA TYR A 20 -23.86 9.52 -22.47
C TYR A 20 -24.39 10.40 -21.34
N GLU A 21 -25.21 11.39 -21.70
CA GLU A 21 -25.80 12.30 -20.74
C GLU A 21 -26.76 11.54 -19.82
N GLY A 22 -26.64 11.76 -18.52
CA GLY A 22 -27.51 11.09 -17.57
C GLY A 22 -26.98 9.77 -17.04
N ALA A 23 -25.67 9.59 -17.13
CA ALA A 23 -25.05 8.36 -16.65
C ALA A 23 -25.45 8.09 -15.20
N LEU A 24 -25.68 6.82 -14.87
CA LEU A 24 -26.07 6.43 -13.53
C LEU A 24 -24.86 5.97 -12.72
N SER A 25 -24.86 6.28 -11.43
CA SER A 25 -23.76 5.90 -10.54
C SER A 25 -24.23 5.37 -9.18
N ASP A 26 -25.53 5.29 -8.97
CA ASP A 26 -26.07 4.79 -7.70
C ASP A 26 -26.46 3.32 -7.78
N ARG A 27 -26.27 2.61 -6.67
CA ARG A 27 -26.63 1.20 -6.57
C ARG A 27 -26.20 0.37 -7.77
N LEU A 28 -24.91 0.38 -8.07
CA LEU A 28 -24.38 -0.39 -9.19
C LEU A 28 -23.60 -1.59 -8.66
N PRO A 29 -23.32 -2.58 -9.53
CA PRO A 29 -22.58 -3.76 -9.10
C PRO A 29 -21.15 -3.43 -8.68
N ALA A 30 -20.60 -4.23 -7.78
CA ALA A 30 -19.25 -4.04 -7.27
C ALA A 30 -18.23 -3.88 -8.39
N GLY A 31 -17.48 -2.79 -8.34
CA GLY A 31 -16.47 -2.55 -9.36
C GLY A 31 -16.93 -1.62 -10.47
N ALA A 32 -18.24 -1.52 -10.67
CA ALA A 32 -18.79 -0.67 -11.72
C ALA A 32 -18.60 0.81 -11.40
N LEU A 33 -18.24 1.58 -12.43
CA LEU A 33 -18.03 3.01 -12.27
C LEU A 33 -19.31 3.76 -12.61
N PHE A 34 -19.99 3.31 -13.66
CA PHE A 34 -21.24 3.93 -14.08
C PHE A 34 -21.98 3.03 -15.06
N ALA A 35 -23.25 3.33 -15.27
CA ALA A 35 -24.08 2.57 -16.19
C ALA A 35 -24.94 3.53 -16.99
N VAL A 36 -25.27 3.15 -18.23
CA VAL A 36 -26.08 4.00 -19.09
C VAL A 36 -27.39 3.30 -19.44
N LYS A 37 -28.51 3.93 -19.08
CA LYS A 37 -29.83 3.39 -19.36
C LYS A 37 -30.23 3.64 -20.81
N ARG A 38 -29.26 3.47 -21.71
CA ARG A 38 -29.48 3.68 -23.14
C ARG A 38 -30.54 2.71 -23.66
N PRO A 39 -31.44 3.19 -24.54
CA PRO A 39 -32.50 2.35 -25.09
C PRO A 39 -31.94 1.26 -26.03
N ASP A 40 -32.45 0.04 -25.86
CA ASP A 40 -32.03 -1.11 -26.67
C ASP A 40 -30.63 -1.60 -26.33
N VAL A 41 -30.04 -1.06 -25.28
CA VAL A 41 -28.71 -1.46 -24.85
C VAL A 41 -28.30 -0.84 -23.52
N VAL A 42 -27.78 -1.66 -22.62
CA VAL A 42 -27.32 -1.20 -21.31
C VAL A 42 -25.80 -1.28 -21.28
N ILE A 43 -25.17 -0.19 -20.86
CA ILE A 43 -23.72 -0.15 -20.80
C ILE A 43 -23.21 -0.02 -19.37
N THR A 44 -22.28 -0.90 -19.01
CA THR A 44 -21.70 -0.89 -17.68
C THR A 44 -20.18 -0.87 -17.77
N ALA A 45 -19.57 0.16 -17.17
CA ALA A 45 -18.12 0.30 -17.18
C ALA A 45 -17.53 0.02 -15.80
N TYR A 46 -16.47 -0.78 -15.77
CA TYR A 46 -15.83 -1.15 -14.51
C TYR A 46 -14.43 -0.55 -14.31
N ARG A 47 -14.01 -0.53 -13.05
CA ARG A 47 -12.71 -0.01 -12.66
C ARG A 47 -11.58 -0.62 -13.48
N SER A 48 -11.68 -1.92 -13.73
CA SER A 48 -10.68 -2.64 -14.49
C SER A 48 -10.55 -2.13 -15.92
N GLY A 49 -11.51 -1.33 -16.35
CA GLY A 49 -11.48 -0.81 -17.72
C GLY A 49 -12.42 -1.62 -18.59
N LYS A 50 -12.88 -2.74 -18.07
CA LYS A 50 -13.80 -3.59 -18.81
C LYS A 50 -15.15 -2.90 -18.96
N VAL A 51 -15.66 -2.86 -20.19
CA VAL A 51 -16.94 -2.23 -20.45
C VAL A 51 -17.83 -3.26 -21.12
N LEU A 52 -19.03 -3.43 -20.59
CA LEU A 52 -19.96 -4.41 -21.13
C LEU A 52 -21.18 -3.76 -21.79
N PHE A 53 -21.52 -4.27 -22.96
CA PHE A 53 -22.67 -3.78 -23.70
C PHE A 53 -23.69 -4.91 -23.76
N GLN A 54 -24.85 -4.66 -23.15
CA GLN A 54 -25.92 -5.66 -23.13
C GLN A 54 -27.17 -5.11 -23.79
N GLY A 55 -27.85 -5.96 -24.55
CA GLY A 55 -29.07 -5.54 -25.22
C GLY A 55 -29.14 -5.89 -26.70
N LYS A 56 -30.24 -5.49 -27.32
CA LYS A 56 -30.48 -5.75 -28.74
C LYS A 56 -29.42 -5.07 -29.59
N ALA A 57 -29.26 -3.76 -29.39
CA ALA A 57 -28.28 -2.98 -30.14
C ALA A 57 -26.94 -2.91 -29.41
N ALA A 58 -26.50 -4.04 -28.87
CA ALA A 58 -25.24 -4.10 -28.13
C ALA A 58 -24.04 -4.01 -29.08
N GLU A 59 -24.01 -4.90 -30.06
CA GLU A 59 -22.91 -4.92 -31.02
C GLU A 59 -22.78 -3.59 -31.74
N GLN A 60 -23.92 -2.97 -32.02
CA GLN A 60 -23.95 -1.70 -32.72
C GLN A 60 -23.34 -0.60 -31.85
N GLU A 61 -23.76 -0.55 -30.59
CA GLU A 61 -23.27 0.45 -29.66
C GLU A 61 -21.77 0.29 -29.43
N ALA A 62 -21.33 -0.95 -29.26
CA ALA A 62 -19.91 -1.25 -29.03
C ALA A 62 -19.05 -0.79 -30.20
N ALA A 63 -19.56 -1.00 -31.41
CA ALA A 63 -18.84 -0.63 -32.62
C ALA A 63 -18.56 0.87 -32.65
N LYS A 64 -19.45 1.64 -32.02
CA LYS A 64 -19.31 3.10 -31.97
C LYS A 64 -18.09 3.53 -31.17
N TRP A 65 -17.52 2.62 -30.37
CA TRP A 65 -16.37 2.97 -29.57
C TRP A 65 -15.09 2.21 -29.90
N ILE A 66 -15.23 0.92 -30.20
CA ILE A 66 -14.06 0.10 -30.52
C ILE A 66 -14.33 -0.79 -31.71
N SER A 67 -13.30 -1.02 -32.52
CA SER A 67 -13.44 -1.86 -33.70
C SER A 67 -13.16 -3.31 -33.29
N GLY A 68 -13.94 -4.23 -33.83
CA GLY A 68 -13.77 -5.63 -33.50
C GLY A 68 -13.99 -5.90 -32.02
N ALA A 69 -15.21 -5.65 -31.56
CA ALA A 69 -15.56 -5.88 -30.17
C ALA A 69 -15.83 -7.36 -29.92
N SER A 70 -15.12 -7.93 -28.96
CA SER A 70 -15.27 -9.34 -28.62
C SER A 70 -16.63 -9.61 -28.00
N ALA A 71 -17.29 -10.67 -28.46
CA ALA A 71 -18.59 -11.03 -27.92
C ALA A 71 -18.41 -12.06 -26.82
N SER A 72 -19.26 -12.00 -25.79
CA SER A 72 -19.18 -12.94 -24.68
C SER A 72 -20.55 -13.08 -24.01
N ASN A 73 -20.65 -14.08 -23.13
CA ASN A 73 -21.89 -14.34 -22.42
C ASN A 73 -21.85 -13.70 -21.03
N GLU A 74 -20.78 -12.96 -20.77
CA GLU A 74 -20.60 -12.28 -19.50
C GLU A 74 -21.72 -11.27 -19.25
N THR A 75 -22.18 -11.17 -18.01
CA THR A 75 -23.25 -10.24 -17.67
C THR A 75 -22.73 -9.12 -16.76
N ALA A 76 -23.54 -8.08 -16.61
CA ALA A 76 -23.17 -6.94 -15.77
C ALA A 76 -23.33 -7.31 -14.30
N ASP A 77 -22.42 -8.15 -13.80
CA ASP A 77 -22.46 -8.61 -12.41
C ASP A 77 -21.30 -8.01 -11.61
N HIS A 78 -21.22 -8.38 -10.33
CA HIS A 78 -20.17 -7.91 -9.44
C HIS A 78 -18.81 -8.46 -9.90
N GLN A 79 -17.75 -7.71 -9.63
CA GLN A 79 -16.40 -8.15 -10.00
C GLN A 79 -15.74 -8.64 -8.70
N PRO A 80 -15.27 -9.89 -8.68
CA PRO A 80 -14.62 -10.46 -7.49
C PRO A 80 -13.47 -9.61 -6.95
N SER A 81 -12.76 -8.96 -7.86
CA SER A 81 -11.64 -8.12 -7.48
C SER A 81 -12.09 -6.89 -6.71
N ALA A 82 -13.37 -6.53 -6.82
CA ALA A 82 -13.89 -5.35 -6.15
C ALA A 82 -14.83 -5.64 -4.98
N LEU A 83 -15.14 -6.91 -4.76
CA LEU A 83 -16.05 -7.28 -3.67
C LEU A 83 -15.65 -6.69 -2.33
N ALA A 84 -14.34 -6.68 -2.04
CA ALA A 84 -13.87 -6.14 -0.76
C ALA A 84 -13.95 -4.62 -0.69
N ALA A 85 -13.41 -3.94 -1.69
CA ALA A 85 -13.42 -2.48 -1.72
C ALA A 85 -14.86 -1.96 -1.64
N HIS A 86 -15.75 -2.61 -2.37
CA HIS A 86 -17.15 -2.19 -2.37
C HIS A 86 -17.75 -2.19 -0.96
N GLN A 87 -17.36 -3.16 -0.15
CA GLN A 87 -17.89 -3.27 1.20
C GLN A 87 -17.14 -2.48 2.27
N LEU A 88 -15.82 -2.43 2.15
CA LEU A 88 -14.99 -1.75 3.13
C LEU A 88 -14.67 -0.30 2.84
N GLY A 89 -14.73 0.07 1.56
CA GLY A 89 -14.39 1.43 1.15
C GLY A 89 -14.95 2.60 1.94
N SER A 90 -16.20 2.52 2.36
CA SER A 90 -16.83 3.63 3.08
C SER A 90 -16.90 3.47 4.59
N LEU A 91 -16.29 2.42 5.12
CA LEU A 91 -16.32 2.20 6.55
C LEU A 91 -15.19 2.93 7.27
N SER A 92 -15.35 3.09 8.58
CA SER A 92 -14.29 3.72 9.35
C SER A 92 -13.33 2.56 9.52
N ALA A 93 -12.05 2.76 9.22
CA ALA A 93 -11.12 1.66 9.35
C ALA A 93 -9.69 2.05 9.66
N ILE A 94 -8.98 1.08 10.20
CA ILE A 94 -7.57 1.25 10.49
C ILE A 94 -6.91 0.55 9.30
N GLY A 95 -5.82 1.13 8.82
CA GLY A 95 -5.08 0.56 7.72
C GLY A 95 -3.62 0.55 8.12
N SER A 96 -2.89 -0.50 7.73
CA SER A 96 -1.47 -0.61 8.07
C SER A 96 -0.62 -1.06 6.88
N ASP A 97 0.65 -0.68 6.89
CA ASP A 97 1.57 -1.03 5.80
C ASP A 97 3.00 -0.76 6.31
N GLU A 98 4.00 -1.28 5.59
CA GLU A 98 5.40 -1.08 5.99
C GLU A 98 6.27 -0.60 4.84
N VAL A 99 7.46 -0.11 5.17
CA VAL A 99 8.43 0.37 4.20
C VAL A 99 9.84 0.08 4.71
N GLY A 100 10.82 0.02 3.82
CA GLY A 100 12.18 -0.23 4.23
C GLY A 100 12.69 -1.65 4.17
N THR A 101 11.79 -2.58 3.87
CA THR A 101 12.17 -4.01 3.81
C THR A 101 13.29 -4.29 2.81
N GLY A 102 13.25 -3.62 1.67
CA GLY A 102 14.28 -3.85 0.65
C GLY A 102 15.50 -2.94 0.70
N ASP A 103 15.50 -1.99 1.63
CA ASP A 103 16.61 -1.05 1.77
C ASP A 103 17.74 -1.57 2.64
N TYR A 104 18.94 -1.67 2.07
CA TYR A 104 20.09 -2.14 2.84
C TYR A 104 20.26 -1.28 4.10
N PHE A 105 20.30 0.03 3.90
CA PHE A 105 20.46 0.97 5.01
C PHE A 105 19.11 1.34 5.62
N GLY A 106 19.08 1.56 6.93
CA GLY A 106 17.84 1.97 7.56
C GLY A 106 16.97 0.91 8.21
N PRO A 107 15.93 1.35 8.92
CA PRO A 107 15.05 0.40 9.58
C PRO A 107 13.93 -0.11 8.71
N ILE A 108 13.02 -0.80 9.36
CA ILE A 108 11.81 -1.23 8.70
C ILE A 108 10.85 -0.38 9.51
N VAL A 109 9.94 0.28 8.82
CA VAL A 109 8.96 1.12 9.47
C VAL A 109 7.55 0.62 9.16
N VAL A 110 6.74 0.47 10.19
CA VAL A 110 5.37 0.05 10.01
C VAL A 110 4.48 1.14 10.58
N ALA A 111 3.47 1.55 9.83
CA ALA A 111 2.56 2.58 10.30
C ALA A 111 1.11 2.13 10.13
N ALA A 112 0.23 2.64 10.99
CA ALA A 112 -1.19 2.33 10.93
C ALA A 112 -1.93 3.65 11.12
N ALA A 113 -2.93 3.87 10.29
CA ALA A 113 -3.72 5.08 10.33
C ALA A 113 -5.19 4.71 10.47
N TYR A 114 -5.90 5.46 11.33
CA TYR A 114 -7.32 5.26 11.55
C TYR A 114 -8.07 6.39 10.88
N VAL A 115 -8.85 6.07 9.87
CA VAL A 115 -9.63 7.06 9.15
C VAL A 115 -11.11 6.79 9.37
N ASP A 116 -11.72 7.60 10.24
CA ASP A 116 -13.15 7.49 10.56
C ASP A 116 -13.90 8.00 9.34
N ARG A 117 -15.13 7.53 9.14
CA ARG A 117 -15.98 7.92 8.02
C ARG A 117 -15.96 9.40 7.66
N PRO A 118 -16.05 10.29 8.67
CA PRO A 118 -16.05 11.72 8.39
C PRO A 118 -14.74 12.31 7.87
N HIS A 119 -13.68 11.51 7.88
CA HIS A 119 -12.38 12.00 7.40
C HIS A 119 -11.93 11.34 6.09
N ILE A 120 -12.73 10.40 5.60
CA ILE A 120 -12.39 9.72 4.36
C ILE A 120 -12.20 10.69 3.20
N ALA A 121 -13.19 11.51 2.91
CA ALA A 121 -13.10 12.47 1.82
C ALA A 121 -11.90 13.41 1.95
N LYS A 122 -11.68 13.91 3.16
CA LYS A 122 -10.57 14.81 3.41
C LYS A 122 -9.23 14.16 3.07
N ILE A 123 -9.00 12.96 3.58
CA ILE A 123 -7.74 12.25 3.32
C ILE A 123 -7.58 11.95 1.84
N ALA A 124 -8.66 11.55 1.19
CA ALA A 124 -8.62 11.24 -0.23
C ALA A 124 -8.31 12.50 -1.03
N ALA A 125 -8.83 13.64 -0.58
CA ALA A 125 -8.59 14.90 -1.27
C ALA A 125 -7.10 15.26 -1.27
N LEU A 126 -6.36 14.71 -0.32
CA LEU A 126 -4.93 14.98 -0.22
C LEU A 126 -4.16 14.23 -1.30
N GLY A 127 -4.88 13.46 -2.11
CA GLY A 127 -4.26 12.70 -3.18
C GLY A 127 -3.42 11.56 -2.64
N VAL A 128 -4.06 10.67 -1.87
CA VAL A 128 -3.36 9.53 -1.30
C VAL A 128 -3.36 8.33 -2.23
N LYS A 129 -4.29 8.33 -3.18
CA LYS A 129 -4.39 7.24 -4.14
C LYS A 129 -3.10 7.15 -4.95
N ASP A 130 -2.69 5.93 -5.27
CA ASP A 130 -1.48 5.69 -6.03
C ASP A 130 -0.29 6.37 -5.36
N SER A 131 -0.24 6.28 -4.03
CA SER A 131 0.84 6.87 -3.26
C SER A 131 2.19 6.41 -3.78
N LYS A 132 2.17 5.30 -4.52
CA LYS A 132 3.39 4.73 -5.10
C LYS A 132 3.99 5.69 -6.12
N GLN A 133 3.15 6.50 -6.73
CA GLN A 133 3.60 7.46 -7.73
C GLN A 133 4.22 8.69 -7.09
N LEU A 134 3.84 8.97 -5.85
CA LEU A 134 4.35 10.13 -5.13
C LEU A 134 5.83 10.00 -4.78
N ASN A 135 6.59 11.07 -5.03
CA ASN A 135 8.01 11.07 -4.72
C ASN A 135 8.20 11.47 -3.26
N ASP A 136 9.46 11.48 -2.81
CA ASP A 136 9.73 11.83 -1.43
C ASP A 136 9.26 13.23 -1.06
N GLU A 137 9.47 14.20 -1.95
CA GLU A 137 9.06 15.56 -1.65
C GLU A 137 7.56 15.68 -1.47
N ALA A 138 6.79 14.90 -2.22
CA ALA A 138 5.34 14.93 -2.09
C ALA A 138 4.96 14.28 -0.75
N ILE A 139 5.71 13.26 -0.36
CA ILE A 139 5.47 12.58 0.90
C ILE A 139 5.67 13.54 2.09
N LYS A 140 6.76 14.29 2.05
CA LYS A 140 7.06 15.25 3.10
C LYS A 140 5.99 16.33 3.17
N ARG A 141 5.29 16.51 2.06
CA ARG A 141 4.24 17.51 1.96
C ARG A 141 2.89 16.97 2.43
N ILE A 142 2.56 15.74 2.03
CA ILE A 142 1.28 15.13 2.38
C ILE A 142 1.22 14.50 3.77
N ALA A 143 2.24 13.73 4.13
CA ALA A 143 2.28 13.05 5.43
C ALA A 143 1.87 13.94 6.62
N PRO A 144 2.54 15.07 6.81
CA PRO A 144 2.18 15.94 7.94
C PRO A 144 0.71 16.34 7.98
N ALA A 145 0.12 16.60 6.81
CA ALA A 145 -1.28 16.96 6.72
C ALA A 145 -2.14 15.82 7.24
N ILE A 146 -1.81 14.60 6.81
CA ILE A 146 -2.53 13.41 7.24
C ILE A 146 -2.42 13.18 8.74
N MET A 147 -1.19 13.25 9.26
CA MET A 147 -0.95 13.03 10.68
C MET A 147 -1.72 14.04 11.52
N GLU A 148 -1.92 15.23 10.95
CA GLU A 148 -2.64 16.31 11.63
C GLU A 148 -4.15 16.12 11.58
N THR A 149 -4.60 15.30 10.64
CA THR A 149 -6.04 15.07 10.46
C THR A 149 -6.55 13.80 11.09
N VAL A 150 -5.74 12.75 11.04
CA VAL A 150 -6.14 11.46 11.56
C VAL A 150 -5.17 10.85 12.57
N PRO A 151 -5.68 10.02 13.49
CA PRO A 151 -4.83 9.37 14.49
C PRO A 151 -4.02 8.26 13.82
N HIS A 152 -2.79 8.09 14.28
CA HIS A 152 -1.91 7.06 13.72
C HIS A 152 -0.90 6.58 14.75
N ALA A 153 -0.26 5.47 14.42
CA ALA A 153 0.76 4.90 15.28
C ALA A 153 1.86 4.40 14.37
N VAL A 154 3.07 4.30 14.91
CA VAL A 154 4.21 3.87 14.15
C VAL A 154 5.16 3.05 15.00
N THR A 155 5.76 2.02 14.41
CA THR A 155 6.74 1.21 15.10
C THR A 155 7.95 1.14 14.17
N VAL A 156 9.07 1.65 14.66
CA VAL A 156 10.31 1.68 13.90
C VAL A 156 11.27 0.59 14.38
N LEU A 157 11.66 -0.30 13.49
CA LEU A 157 12.61 -1.35 13.86
C LEU A 157 13.99 -0.83 13.44
N ASP A 158 14.77 -0.34 14.39
CA ASP A 158 16.10 0.21 14.10
C ASP A 158 17.09 -0.91 13.70
N ASN A 159 18.19 -0.55 13.06
CA ASN A 159 19.15 -1.55 12.60
C ASN A 159 19.77 -2.49 13.63
N PRO A 160 20.15 -1.97 14.80
CA PRO A 160 20.73 -2.85 15.81
C PRO A 160 19.74 -3.90 16.28
N GLN A 161 18.47 -3.53 16.45
CA GLN A 161 17.46 -4.49 16.87
C GLN A 161 17.15 -5.45 15.71
N TYR A 162 17.09 -4.90 14.50
CA TYR A 162 16.84 -5.69 13.29
C TYR A 162 17.89 -6.79 13.20
N ASN A 163 19.15 -6.40 13.25
CA ASN A 163 20.27 -7.33 13.16
C ASN A 163 20.26 -8.38 14.25
N ARG A 164 19.82 -7.99 15.45
CA ARG A 164 19.75 -8.89 16.57
C ARG A 164 18.69 -9.97 16.31
N TRP A 165 17.51 -9.55 15.84
CA TRP A 165 16.44 -10.50 15.56
C TRP A 165 16.81 -11.44 14.41
N GLN A 166 17.46 -10.87 13.40
CA GLN A 166 17.86 -11.64 12.22
C GLN A 166 18.88 -12.74 12.55
N ARG A 167 19.96 -12.36 13.24
CA ARG A 167 20.99 -13.33 13.58
C ARG A 167 20.43 -14.35 14.57
N SER A 168 19.31 -14.02 15.19
CA SER A 168 18.70 -14.93 16.14
C SER A 168 17.81 -15.95 15.44
N GLY A 169 17.55 -15.73 14.14
CA GLY A 169 16.73 -16.67 13.40
C GLY A 169 15.34 -16.17 13.02
N MET A 170 15.07 -14.89 13.25
CA MET A 170 13.77 -14.32 12.91
C MET A 170 13.82 -13.69 11.51
N PRO A 171 13.11 -14.29 10.53
CA PRO A 171 13.09 -13.78 9.16
C PRO A 171 12.25 -12.52 9.05
N GLN A 172 12.47 -11.76 7.96
CA GLN A 172 11.72 -10.53 7.76
C GLN A 172 10.22 -10.72 7.85
N THR A 173 9.72 -11.83 7.30
CA THR A 173 8.29 -12.10 7.35
C THR A 173 7.79 -12.07 8.79
N LYS A 174 8.53 -12.72 9.69
CA LYS A 174 8.13 -12.75 11.09
C LYS A 174 8.29 -11.38 11.73
N MET A 175 9.33 -10.65 11.33
CA MET A 175 9.56 -9.31 11.87
C MET A 175 8.35 -8.44 11.54
N LYS A 176 7.97 -8.43 10.26
CA LYS A 176 6.84 -7.63 9.81
C LYS A 176 5.54 -7.97 10.54
N ALA A 177 5.28 -9.26 10.74
CA ALA A 177 4.08 -9.69 11.45
C ALA A 177 4.06 -9.07 12.86
N LEU A 178 5.19 -9.18 13.55
CA LEU A 178 5.31 -8.64 14.90
C LEU A 178 5.12 -7.11 14.91
N LEU A 179 5.77 -6.43 13.96
CA LEU A 179 5.65 -4.98 13.87
C LEU A 179 4.22 -4.53 13.55
N HIS A 180 3.53 -5.23 12.65
CA HIS A 180 2.17 -4.86 12.34
C HIS A 180 1.28 -5.04 13.56
N ASN A 181 1.39 -6.20 14.20
CA ASN A 181 0.58 -6.49 15.38
C ASN A 181 0.76 -5.45 16.48
N ARG A 182 2.01 -5.12 16.77
CA ARG A 182 2.31 -4.15 17.81
C ARG A 182 1.85 -2.73 17.46
N THR A 183 1.93 -2.38 16.18
CA THR A 183 1.52 -1.05 15.76
C THR A 183 0.00 -0.99 15.82
N LEU A 184 -0.65 -2.10 15.50
CA LEU A 184 -2.10 -2.17 15.54
C LEU A 184 -2.57 -2.06 16.99
N VAL A 185 -1.85 -2.71 17.91
CA VAL A 185 -2.21 -2.66 19.31
C VAL A 185 -2.18 -1.22 19.80
N LYS A 186 -1.12 -0.50 19.44
CA LYS A 186 -0.98 0.88 19.86
C LYS A 186 -2.11 1.78 19.35
N LEU A 187 -2.48 1.63 18.08
CA LEU A 187 -3.54 2.46 17.52
C LEU A 187 -4.91 2.12 18.11
N VAL A 188 -5.16 0.83 18.33
CA VAL A 188 -6.42 0.41 18.91
C VAL A 188 -6.61 1.04 20.28
N ASP A 189 -5.61 0.92 21.15
CA ASP A 189 -5.70 1.50 22.48
C ASP A 189 -5.80 3.02 22.44
N ALA A 190 -5.05 3.64 21.53
CA ALA A 190 -5.06 5.09 21.42
C ALA A 190 -6.44 5.66 21.02
N ILE A 191 -7.15 4.98 20.13
CA ILE A 191 -8.45 5.48 19.70
C ILE A 191 -9.62 5.02 20.58
N ALA A 192 -9.35 4.14 21.53
CA ALA A 192 -10.40 3.66 22.42
C ALA A 192 -10.96 4.87 23.16
N PRO A 193 -12.22 4.84 23.58
CA PRO A 193 -13.25 3.79 23.45
C PRO A 193 -13.76 3.53 22.03
N ALA A 194 -13.36 4.36 21.09
CA ALA A 194 -13.81 4.18 19.72
C ALA A 194 -13.26 2.86 19.17
N GLU A 195 -14.03 2.21 18.32
CA GLU A 195 -13.58 0.96 17.73
C GLU A 195 -13.75 1.05 16.22
N PRO A 196 -12.74 0.59 15.47
CA PRO A 196 -12.82 0.64 14.01
C PRO A 196 -13.79 -0.41 13.47
N GLU A 197 -14.51 -0.08 12.42
CA GLU A 197 -15.45 -1.01 11.83
C GLU A 197 -14.66 -2.13 11.14
N ALA A 198 -13.44 -1.81 10.75
CA ALA A 198 -12.57 -2.77 10.07
C ALA A 198 -11.09 -2.44 10.24
N ILE A 199 -10.25 -3.47 10.20
CA ILE A 199 -8.80 -3.28 10.30
C ILE A 199 -8.22 -4.00 9.09
N ILE A 200 -7.59 -3.22 8.22
CA ILE A 200 -7.04 -3.74 6.98
C ILE A 200 -5.53 -3.72 6.90
N ILE A 201 -4.95 -4.90 6.76
CA ILE A 201 -3.50 -5.05 6.65
C ILE A 201 -3.13 -5.33 5.21
N ASP A 202 -2.24 -4.51 4.66
CA ASP A 202 -1.79 -4.71 3.29
C ASP A 202 -1.04 -6.03 3.33
N GLU A 203 -1.64 -7.05 2.71
CA GLU A 203 -1.06 -8.40 2.70
C GLU A 203 0.41 -8.49 2.29
N PHE A 204 1.19 -9.20 3.10
CA PHE A 204 2.61 -9.41 2.81
C PHE A 204 2.94 -10.87 3.03
N LEU A 205 1.91 -11.64 3.40
CA LEU A 205 2.05 -13.08 3.64
C LEU A 205 0.69 -13.67 3.99
N LYS A 206 0.54 -14.98 3.80
CA LYS A 206 -0.72 -15.65 4.10
C LYS A 206 -1.20 -15.44 5.53
N ARG A 207 -2.48 -15.12 5.65
CA ARG A 207 -3.11 -14.88 6.95
C ARG A 207 -2.72 -15.93 7.96
N ASP A 208 -2.86 -17.19 7.57
CA ASP A 208 -2.52 -18.32 8.44
C ASP A 208 -1.12 -18.17 9.01
N SER A 209 -0.15 -17.80 8.16
CA SER A 209 1.22 -17.62 8.59
C SER A 209 1.38 -16.41 9.50
N TYR A 210 0.61 -15.37 9.21
CA TYR A 210 0.64 -14.12 9.97
C TYR A 210 0.38 -14.34 11.46
N PHE A 211 -0.77 -14.92 11.77
CA PHE A 211 -1.15 -15.17 13.15
C PHE A 211 -0.28 -16.21 13.86
N ARG A 212 0.27 -17.16 13.11
CA ARG A 212 1.11 -18.18 13.72
C ARG A 212 2.35 -17.51 14.31
N TYR A 213 2.85 -16.50 13.60
CA TYR A 213 4.01 -15.75 14.04
C TYR A 213 3.74 -14.95 15.31
N LEU A 214 2.47 -14.71 15.59
CA LEU A 214 2.08 -13.94 16.77
C LEU A 214 1.68 -14.81 17.95
N SER A 215 1.76 -16.13 17.78
CA SER A 215 1.37 -17.07 18.82
C SER A 215 1.96 -16.75 20.19
N ASP A 216 3.15 -16.16 20.21
CA ASP A 216 3.81 -15.83 21.47
C ASP A 216 3.56 -14.41 21.97
N GLU A 217 2.89 -13.60 21.16
CA GLU A 217 2.58 -12.23 21.54
C GLU A 217 1.65 -12.18 22.74
N ASP A 218 1.85 -11.19 23.61
CA ASP A 218 1.01 -11.03 24.79
C ASP A 218 -0.38 -10.57 24.38
N ARG A 219 -0.44 -9.69 23.39
CA ARG A 219 -1.70 -9.16 22.90
C ARG A 219 -1.75 -9.29 21.37
N ILE A 220 -2.84 -9.82 20.86
CA ILE A 220 -2.98 -10.01 19.43
C ILE A 220 -4.26 -9.38 18.90
N ILE A 221 -4.12 -8.54 17.88
CA ILE A 221 -5.27 -7.90 17.25
C ILE A 221 -5.75 -8.87 16.17
N ARG A 222 -6.91 -9.45 16.38
CA ARG A 222 -7.45 -10.43 15.44
C ARG A 222 -8.85 -10.06 14.97
N GLU A 223 -9.67 -9.64 15.91
CA GLU A 223 -11.07 -9.27 15.67
C GLU A 223 -11.46 -9.07 14.22
N ARG A 224 -11.68 -7.82 13.82
CA ARG A 224 -12.10 -7.54 12.45
C ARG A 224 -10.92 -7.24 11.53
N VAL A 225 -9.92 -8.12 11.54
CA VAL A 225 -8.73 -7.94 10.71
C VAL A 225 -8.92 -8.55 9.33
N HIS A 226 -8.62 -7.76 8.30
CA HIS A 226 -8.74 -8.19 6.91
C HIS A 226 -7.37 -8.10 6.23
N CYS A 227 -6.85 -9.23 5.78
CA CYS A 227 -5.55 -9.26 5.08
C CYS A 227 -5.87 -9.19 3.58
N LEU A 228 -5.58 -8.06 2.95
CA LEU A 228 -5.87 -7.88 1.54
C LEU A 228 -4.70 -7.40 0.69
N PRO A 229 -4.56 -7.91 -0.53
CA PRO A 229 -3.47 -7.51 -1.44
C PRO A 229 -3.74 -6.11 -1.97
N LYS A 230 -2.68 -5.34 -2.18
CA LYS A 230 -2.83 -3.96 -2.66
C LYS A 230 -3.95 -3.28 -1.89
N ALA A 231 -3.88 -3.36 -0.56
CA ALA A 231 -4.92 -2.78 0.27
C ALA A 231 -5.16 -1.29 0.03
N GLU A 232 -4.14 -0.57 -0.44
CA GLU A 232 -4.30 0.86 -0.68
C GLU A 232 -5.50 1.16 -1.59
N SER A 233 -5.85 0.22 -2.46
CA SER A 233 -6.98 0.43 -3.36
C SER A 233 -8.29 0.04 -2.69
N VAL A 234 -8.21 -0.52 -1.49
CA VAL A 234 -9.40 -0.94 -0.75
C VAL A 234 -9.92 0.15 0.19
N HIS A 235 -8.99 0.86 0.83
CA HIS A 235 -9.38 1.89 1.77
C HIS A 235 -8.31 2.98 1.92
N VAL A 236 -8.76 4.22 1.99
CA VAL A 236 -7.86 5.35 2.12
C VAL A 236 -6.92 5.23 3.34
N SER A 237 -7.38 4.54 4.38
CA SER A 237 -6.55 4.36 5.57
C SER A 237 -5.22 3.65 5.28
N VAL A 238 -5.23 2.70 4.35
CA VAL A 238 -4.01 1.97 4.02
C VAL A 238 -3.05 2.90 3.29
N ALA A 239 -3.58 3.66 2.33
CA ALA A 239 -2.78 4.60 1.57
C ALA A 239 -2.16 5.60 2.54
N ALA A 240 -2.94 6.02 3.54
CA ALA A 240 -2.45 6.97 4.53
C ALA A 240 -1.29 6.35 5.31
N ALA A 241 -1.45 5.08 5.68
CA ALA A 241 -0.42 4.38 6.41
C ALA A 241 0.89 4.32 5.61
N SER A 242 0.80 3.97 4.34
CA SER A 242 1.98 3.90 3.47
C SER A 242 2.77 5.20 3.45
N ILE A 243 2.04 6.30 3.29
CA ILE A 243 2.64 7.64 3.23
C ILE A 243 3.30 7.99 4.55
N ILE A 244 2.63 7.71 5.65
CA ILE A 244 3.20 8.00 6.97
C ILE A 244 4.47 7.18 7.16
N ALA A 245 4.39 5.89 6.82
CA ALA A 245 5.55 5.01 6.94
C ALA A 245 6.75 5.56 6.18
N ARG A 246 6.53 5.97 4.94
CA ARG A 246 7.59 6.51 4.11
C ARG A 246 8.16 7.80 4.70
N TYR A 247 7.27 8.64 5.22
CA TYR A 247 7.70 9.90 5.81
C TYR A 247 8.63 9.64 6.98
N VAL A 248 8.23 8.73 7.85
CA VAL A 248 9.03 8.40 9.01
C VAL A 248 10.35 7.77 8.56
N PHE A 249 10.30 6.92 7.53
CA PHE A 249 11.51 6.27 7.05
C PHE A 249 12.53 7.32 6.60
N LEU A 250 12.06 8.30 5.83
CA LEU A 250 12.92 9.36 5.34
C LEU A 250 13.54 10.13 6.49
N GLU A 251 12.72 10.43 7.49
CA GLU A 251 13.17 11.16 8.67
C GLU A 251 14.24 10.34 9.39
N GLU A 252 14.02 9.04 9.49
CA GLU A 252 14.99 8.16 10.15
C GLU A 252 16.30 8.13 9.37
N MET A 253 16.19 8.07 8.05
CA MET A 253 17.37 8.04 7.20
C MET A 253 18.19 9.32 7.31
N GLU A 254 17.53 10.46 7.44
CA GLU A 254 18.24 11.73 7.59
C GLU A 254 18.99 11.74 8.91
N GLN A 255 18.35 11.20 9.95
CA GLN A 255 18.96 11.14 11.28
C GLN A 255 20.10 10.12 11.29
N LEU A 256 19.89 9.00 10.60
CA LEU A 256 20.89 7.95 10.55
C LEU A 256 22.14 8.38 9.76
N SER A 257 21.92 9.07 8.64
CA SER A 257 23.01 9.56 7.82
C SER A 257 23.85 10.55 8.62
N ARG A 258 23.19 11.31 9.48
CA ARG A 258 23.89 12.29 10.31
C ARG A 258 24.71 11.57 11.39
N ALA A 259 24.16 10.48 11.94
CA ALA A 259 24.87 9.72 12.96
C ALA A 259 26.06 8.97 12.37
N VAL A 260 25.91 8.55 11.11
CA VAL A 260 26.96 7.83 10.41
C VAL A 260 27.98 8.79 9.81
N GLY A 261 27.51 9.97 9.42
CA GLY A 261 28.41 10.96 8.84
C GLY A 261 28.57 10.79 7.35
N LEU A 262 27.59 10.14 6.72
CA LEU A 262 27.64 9.92 5.29
C LEU A 262 26.23 9.72 4.78
N LEU A 263 25.93 10.29 3.62
CA LEU A 263 24.61 10.17 3.03
C LEU A 263 24.36 8.70 2.68
N LEU A 264 23.28 8.16 3.22
CA LEU A 264 22.92 6.77 2.97
C LEU A 264 21.87 6.65 1.86
N PRO A 265 22.28 6.14 0.68
CA PRO A 265 21.33 5.99 -0.43
C PRO A 265 20.32 4.88 -0.16
N LYS A 266 19.14 5.00 -0.75
CA LYS A 266 18.10 3.99 -0.58
C LYS A 266 18.38 2.79 -1.48
N GLY A 267 17.58 1.74 -1.35
CA GLY A 267 17.74 0.56 -2.18
C GLY A 267 18.88 -0.36 -1.77
N ALA A 268 19.33 -1.18 -2.72
CA ALA A 268 20.41 -2.12 -2.44
C ALA A 268 21.28 -2.33 -3.67
N GLY A 269 21.40 -1.28 -4.48
CA GLY A 269 22.22 -1.35 -5.68
C GLY A 269 23.69 -1.11 -5.41
N ALA A 270 24.45 -0.95 -6.48
CA ALA A 270 25.89 -0.73 -6.38
C ALA A 270 26.27 0.51 -5.57
N ILE A 271 25.48 1.57 -5.70
CA ILE A 271 25.76 2.80 -4.98
C ILE A 271 25.78 2.54 -3.47
N VAL A 272 24.94 1.60 -3.03
CA VAL A 272 24.88 1.23 -1.62
C VAL A 272 26.14 0.47 -1.23
N ASP A 273 26.63 -0.37 -2.14
CA ASP A 273 27.85 -1.13 -1.88
C ASP A 273 29.01 -0.16 -1.65
N GLU A 274 29.09 0.87 -2.49
CA GLU A 274 30.15 1.87 -2.40
C GLU A 274 30.03 2.64 -1.09
N ALA A 275 28.82 3.06 -0.75
CA ALA A 275 28.59 3.81 0.47
C ALA A 275 29.00 2.99 1.69
N ALA A 276 28.62 1.72 1.71
CA ALA A 276 28.97 0.84 2.82
C ALA A 276 30.49 0.71 2.90
N ALA A 277 31.15 0.67 1.75
CA ALA A 277 32.60 0.56 1.71
C ALA A 277 33.22 1.80 2.34
N ARG A 278 32.68 2.97 2.00
CA ARG A 278 33.18 4.22 2.57
C ARG A 278 33.01 4.24 4.09
N ILE A 279 31.86 3.78 4.56
CA ILE A 279 31.58 3.76 5.99
C ILE A 279 32.62 2.93 6.74
N ILE A 280 32.87 1.72 6.24
CA ILE A 280 33.84 0.81 6.84
C ILE A 280 35.20 1.49 7.02
N ARG A 281 35.69 2.13 5.96
CA ARG A 281 36.99 2.79 6.00
C ARG A 281 37.07 4.00 6.93
N ALA A 282 36.03 4.83 6.89
CA ALA A 282 36.01 6.05 7.69
C ALA A 282 35.55 5.91 9.13
N ARG A 283 34.72 4.91 9.41
CA ARG A 283 34.17 4.71 10.75
C ARG A 283 34.40 3.33 11.35
N GLY A 284 34.76 2.37 10.51
CA GLY A 284 34.96 1.02 11.01
C GLY A 284 33.78 0.15 10.62
N GLU A 285 34.04 -1.14 10.41
CA GLU A 285 33.01 -2.09 10.02
C GLU A 285 31.87 -2.19 11.03
N GLU A 286 32.17 -2.06 12.31
CA GLU A 286 31.14 -2.15 13.33
C GLU A 286 30.08 -1.07 13.19
N MET A 287 30.41 0.02 12.51
CA MET A 287 29.44 1.10 12.32
C MET A 287 28.23 0.58 11.51
N LEU A 288 28.44 -0.41 10.66
CA LEU A 288 27.35 -0.94 9.84
C LEU A 288 26.24 -1.56 10.68
N GLU A 289 26.62 -2.08 11.85
CA GLU A 289 25.66 -2.71 12.75
C GLU A 289 24.60 -1.72 13.22
N THR A 290 24.93 -0.42 13.20
CA THR A 290 24.02 0.62 13.64
C THR A 290 23.15 1.21 12.54
N CYS A 291 23.49 0.95 11.29
CA CYS A 291 22.76 1.56 10.18
C CYS A 291 22.37 0.68 9.00
N ALA A 292 22.71 -0.61 9.04
CA ALA A 292 22.40 -1.47 7.92
C ALA A 292 21.85 -2.85 8.30
N LYS A 293 21.20 -3.48 7.33
CA LYS A 293 20.66 -4.82 7.51
C LYS A 293 21.79 -5.74 7.08
N LEU A 294 22.68 -6.02 8.03
CA LEU A 294 23.87 -6.84 7.80
C LEU A 294 23.76 -8.11 6.97
N HIS A 295 22.74 -8.93 7.18
CA HIS A 295 22.65 -10.17 6.42
C HIS A 295 22.53 -9.99 4.91
N PHE A 296 22.20 -8.77 4.47
CA PHE A 296 22.09 -8.47 3.04
C PHE A 296 23.42 -8.81 2.36
N ALA A 297 23.35 -9.20 1.09
CA ALA A 297 24.56 -9.55 0.33
C ALA A 297 25.47 -8.34 0.17
N ASN A 298 24.91 -7.14 0.36
CA ASN A 298 25.67 -5.91 0.22
C ASN A 298 26.86 -5.82 1.18
N THR A 299 26.72 -6.44 2.35
CA THR A 299 27.79 -6.41 3.32
C THR A 299 29.06 -7.08 2.78
N LYS A 300 28.92 -8.27 2.21
CA LYS A 300 30.07 -8.97 1.65
C LYS A 300 30.72 -8.14 0.55
N LYS A 301 29.90 -7.60 -0.34
CA LYS A 301 30.40 -6.80 -1.45
C LYS A 301 31.13 -5.56 -0.96
N ALA A 302 30.57 -4.87 0.04
CA ALA A 302 31.20 -3.66 0.58
C ALA A 302 32.55 -3.98 1.22
N LEU A 303 32.60 -5.05 1.99
CA LEU A 303 33.84 -5.45 2.66
C LEU A 303 34.93 -5.73 1.62
N ALA A 304 34.54 -6.32 0.49
CA ALA A 304 35.48 -6.63 -0.57
C ALA A 304 36.02 -5.34 -1.16
N ILE A 305 35.11 -4.41 -1.45
CA ILE A 305 35.50 -3.12 -2.02
C ILE A 305 36.38 -2.35 -1.05
N ALA A 306 36.09 -2.47 0.24
CA ALA A 306 36.85 -1.77 1.27
C ALA A 306 38.32 -2.17 1.27
N LYS A 307 38.57 -3.47 1.26
CA LYS A 307 39.95 -3.97 1.26
C LYS A 307 40.57 -3.82 -0.12
N ARG A 308 39.72 -3.79 -1.14
CA ARG A 308 40.17 -3.64 -2.52
C ARG A 308 40.75 -2.25 -2.72
N ARG A 309 40.54 -1.37 -1.74
CA ARG A 309 41.03 0.00 -1.81
C ARG A 309 41.74 0.39 -0.51
MG MG B . 2.92 -3.98 2.15
#